data_5U5K
#
_entry.id   5U5K
#
_cell.length_a   50.661
_cell.length_b   60.833
_cell.length_c   66.055
_cell.angle_alpha   90.00
_cell.angle_beta   104.56
_cell.angle_gamma   90.00
#
_symmetry.space_group_name_H-M   'P 1 21 1'
#
loop_
_entity.id
_entity.type
_entity.pdbx_description
1 polymer 'Polycomb protein EED'
2 non-polymer 'FORMIC ACID'
3 non-polymer (3R)-3-[(3-methoxyphenyl)methyl]piperidine
4 water water
#
_entity_poly.entity_id   1
_entity_poly.type   'polypeptide(L)'
_entity_poly.pdbx_seq_one_letter_code
;GKKCKYSFKCVNSLKEDHNQPLFGVQFNWHSKEGDPLVFATVGSNRVTLYECHSQGEIRLLQSYVDADADENFYTCAWTY
DSNTSHPLLAVAGSRGIIRIINPITMQCIKHYVGHGNAINELKFHPRDPNLLLSVSKDHALRLWNIQTDTLVAIFGGVEG
HRDEVLSADYDLLGEKIMSCGMDHSLKLWRINSKRMMNAIKESYDYNPNKTNRPFISQKIHFPDFSTRDIHRNYVDCVRW
LGDLILSKSCENAIVCWKPGKMEDDIDKIKPSESNVTILGRFDYSQCDIWYMRFSMDFWQKMLALGNQVGKLYVWDLEVE
DPHKAKCTTLTHHKCGAAIRQTSFSRDSSILIAVCDDASIWRWDRLR
;
_entity_poly.pdbx_strand_id   A
#
loop_
_chem_comp.id
_chem_comp.type
_chem_comp.name
_chem_comp.formula
7VY non-polymer (3R)-3-[(3-methoxyphenyl)methyl]piperidine 'C13 H19 N O'
FMT non-polymer 'FORMIC ACID' 'C H2 O2'
#
# COMPACT_ATOMS: atom_id res chain seq x y z
N LYS A 5 -1.29 25.55 9.98
CA LYS A 5 -1.00 24.14 10.27
C LYS A 5 -2.28 23.28 10.32
N TYR A 6 -2.17 22.01 10.78
CA TYR A 6 -3.31 21.08 10.86
C TYR A 6 -3.70 20.69 12.28
N SER A 7 -5.03 20.59 12.49
CA SER A 7 -5.63 20.18 13.76
C SER A 7 -6.66 19.09 13.50
N PHE A 8 -6.77 18.13 14.43
CA PHE A 8 -7.69 17.00 14.38
C PHE A 8 -8.31 16.74 15.74
N LYS A 9 -9.51 16.11 15.76
CA LYS A 9 -10.15 15.70 17.00
C LYS A 9 -10.71 14.29 16.89
N CYS A 10 -10.58 13.50 17.95
CA CYS A 10 -11.10 12.15 18.00
C CYS A 10 -12.61 12.23 18.22
N VAL A 11 -13.38 11.98 17.17
CA VAL A 11 -14.85 12.02 17.22
C VAL A 11 -15.50 10.65 17.48
N ASN A 12 -14.76 9.55 17.27
CA ASN A 12 -15.30 8.20 17.45
C ASN A 12 -14.23 7.14 17.52
N SER A 13 -14.62 5.98 18.08
CA SER A 13 -13.81 4.80 18.21
C SER A 13 -14.72 3.58 18.27
N LEU A 14 -14.27 2.46 17.68
CA LEU A 14 -14.97 1.18 17.76
C LEU A 14 -13.97 0.04 17.84
N LYS A 15 -14.45 -1.19 18.04
CA LYS A 15 -13.61 -2.38 18.14
C LYS A 15 -14.29 -3.56 17.48
N GLU A 16 -13.58 -4.26 16.62
CA GLU A 16 -14.07 -5.45 15.92
C GLU A 16 -14.02 -6.63 16.89
N ASP A 17 -15.02 -7.54 16.83
CA ASP A 17 -15.14 -8.63 17.82
C ASP A 17 -14.05 -9.74 17.76
N HIS A 18 -13.36 -9.93 16.61
CA HIS A 18 -12.34 -10.98 16.47
C HIS A 18 -11.10 -10.77 17.37
N ASN A 19 -10.83 -9.51 17.76
CA ASN A 19 -9.75 -9.06 18.63
C ASN A 19 -8.34 -9.36 18.10
N GLN A 20 -8.23 -9.73 16.81
CA GLN A 20 -6.94 -9.96 16.15
C GLN A 20 -6.47 -8.63 15.58
N PRO A 21 -5.14 -8.37 15.49
CA PRO A 21 -4.67 -7.10 14.89
C PRO A 21 -5.27 -6.77 13.54
N LEU A 22 -5.46 -5.47 13.31
CA LEU A 22 -5.93 -4.95 12.02
C LEU A 22 -4.68 -4.42 11.36
N PHE A 23 -4.29 -5.06 10.23
CA PHE A 23 -3.06 -4.72 9.53
C PHE A 23 -3.24 -3.68 8.43
N GLY A 24 -4.47 -3.44 8.01
CA GLY A 24 -4.73 -2.52 6.92
C GLY A 24 -6.02 -1.76 6.99
N VAL A 25 -5.97 -0.54 6.42
CA VAL A 25 -7.09 0.40 6.31
C VAL A 25 -6.93 1.25 5.05
N GLN A 26 -8.02 1.44 4.30
CA GLN A 26 -8.09 2.22 3.06
C GLN A 26 -9.46 2.82 2.85
N PHE A 27 -9.49 4.12 2.70
CA PHE A 27 -10.70 4.81 2.28
C PHE A 27 -10.82 4.61 0.80
N ASN A 28 -12.06 4.63 0.28
CA ASN A 28 -12.25 4.47 -1.15
C ASN A 28 -12.12 5.85 -1.75
N TRP A 29 -11.00 6.09 -2.43
CA TRP A 29 -10.73 7.34 -3.13
C TRP A 29 -11.35 7.38 -4.50
N HIS A 30 -12.05 6.31 -4.90
CA HIS A 30 -12.70 6.25 -6.20
C HIS A 30 -14.20 6.49 -6.12
N SER A 31 -14.73 6.71 -4.90
CA SER A 31 -16.16 6.95 -4.64
C SER A 31 -16.68 8.21 -5.35
N LYS A 32 -17.92 8.13 -5.86
CA LYS A 32 -18.62 9.16 -6.65
C LYS A 32 -19.03 10.43 -5.90
N GLU A 33 -19.48 11.45 -6.66
CA GLU A 33 -19.98 12.73 -6.15
C GLU A 33 -21.34 12.45 -5.49
N GLY A 34 -21.40 12.65 -4.17
CA GLY A 34 -22.65 12.48 -3.44
C GLY A 34 -22.68 11.33 -2.44
N ASP A 35 -22.23 10.12 -2.85
CA ASP A 35 -22.23 8.93 -1.98
C ASP A 35 -21.29 9.11 -0.76
N PRO A 36 -21.46 8.33 0.34
CA PRO A 36 -20.65 8.60 1.53
C PRO A 36 -19.27 8.02 1.50
N LEU A 37 -18.40 8.55 2.37
CA LEU A 37 -17.03 8.14 2.53
C LEU A 37 -17.02 6.74 3.14
N VAL A 38 -16.47 5.79 2.39
CA VAL A 38 -16.40 4.41 2.81
C VAL A 38 -14.92 3.99 2.99
N PHE A 39 -14.64 3.21 4.04
CA PHE A 39 -13.31 2.66 4.29
C PHE A 39 -13.36 1.18 4.56
N ALA A 40 -12.30 0.48 4.17
CA ALA A 40 -12.16 -0.95 4.37
C ALA A 40 -11.10 -1.22 5.41
N THR A 41 -11.34 -2.25 6.26
CA THR A 41 -10.37 -2.76 7.24
C THR A 41 -10.07 -4.23 6.92
N VAL A 42 -8.81 -4.67 7.17
CA VAL A 42 -8.36 -6.07 7.02
C VAL A 42 -7.61 -6.53 8.25
N GLY A 43 -7.96 -7.72 8.71
CA GLY A 43 -7.36 -8.35 9.88
C GLY A 43 -8.04 -9.67 10.11
N SER A 44 -7.31 -10.67 10.68
CA SER A 44 -7.82 -12.04 10.88
C SER A 44 -8.29 -12.53 9.47
N ASN A 45 -9.36 -13.32 9.35
CA ASN A 45 -9.84 -13.72 8.03
C ASN A 45 -10.99 -12.79 7.58
N ARG A 46 -10.97 -11.53 8.07
CA ARG A 46 -12.05 -10.57 7.79
C ARG A 46 -11.67 -9.29 6.98
N VAL A 47 -12.60 -8.89 6.12
CA VAL A 47 -12.60 -7.66 5.32
C VAL A 47 -13.91 -6.98 5.75
N THR A 48 -13.83 -5.76 6.33
CA THR A 48 -15.04 -5.04 6.78
C THR A 48 -15.11 -3.63 6.16
N LEU A 49 -16.30 -3.25 5.66
CA LEU A 49 -16.61 -1.94 5.07
C LEU A 49 -17.32 -1.09 6.10
N TYR A 50 -17.04 0.21 6.08
CA TYR A 50 -17.60 1.19 7.01
C TYR A 50 -17.90 2.46 6.29
N GLU A 51 -19.02 3.05 6.66
CA GLU A 51 -19.52 4.30 6.15
C GLU A 51 -19.28 5.35 7.24
N CYS A 52 -18.65 6.46 6.85
CA CYS A 52 -18.44 7.58 7.73
C CYS A 52 -19.65 8.49 7.61
N HIS A 53 -20.16 8.93 8.73
CA HIS A 53 -21.29 9.85 8.78
C HIS A 53 -21.01 11.07 9.66
N SER A 54 -22.01 11.96 9.74
CA SER A 54 -22.05 13.17 10.54
C SER A 54 -22.06 12.76 12.02
N GLN A 55 -21.78 13.71 12.94
CA GLN A 55 -21.74 13.49 14.40
C GLN A 55 -20.72 12.40 14.78
N GLY A 56 -19.70 12.28 13.92
CA GLY A 56 -18.61 11.32 14.03
C GLY A 56 -18.98 9.85 13.93
N GLU A 57 -20.20 9.52 13.47
CA GLU A 57 -20.71 8.15 13.34
C GLU A 57 -19.95 7.27 12.31
N ILE A 58 -19.64 6.01 12.70
CA ILE A 58 -19.02 4.99 11.86
C ILE A 58 -20.04 3.84 11.75
N ARG A 59 -20.77 3.80 10.62
CA ARG A 59 -21.79 2.83 10.25
C ARG A 59 -21.16 1.60 9.55
N LEU A 60 -21.40 0.39 10.09
CA LEU A 60 -20.95 -0.88 9.51
C LEU A 60 -21.76 -1.10 8.24
N LEU A 61 -21.10 -1.35 7.10
CA LEU A 61 -21.82 -1.61 5.85
C LEU A 61 -22.00 -3.09 5.64
N GLN A 62 -20.88 -3.84 5.60
CA GLN A 62 -20.86 -5.31 5.50
C GLN A 62 -19.50 -5.88 5.70
N SER A 63 -19.48 -7.19 5.94
CA SER A 63 -18.24 -7.91 6.16
C SER A 63 -18.11 -9.06 5.18
N TYR A 64 -16.87 -9.45 4.95
CA TYR A 64 -16.50 -10.63 4.17
C TYR A 64 -15.76 -11.46 5.19
N VAL A 65 -16.22 -12.67 5.42
CA VAL A 65 -15.55 -13.59 6.33
C VAL A 65 -15.10 -14.72 5.42
N ASP A 66 -13.77 -14.90 5.28
CA ASP A 66 -13.22 -15.95 4.43
C ASP A 66 -13.59 -17.36 4.93
N ALA A 67 -13.86 -18.30 3.99
CA ALA A 67 -14.22 -19.69 4.32
C ALA A 67 -13.10 -20.39 5.13
N ASP A 68 -11.84 -19.99 4.87
CA ASP A 68 -10.63 -20.46 5.53
C ASP A 68 -10.44 -19.58 6.79
N ALA A 69 -10.51 -20.18 7.98
CA ALA A 69 -10.35 -19.46 9.24
C ALA A 69 -8.87 -19.18 9.54
N ASP A 70 -7.94 -19.93 8.86
CA ASP A 70 -6.48 -19.82 8.98
C ASP A 70 -5.90 -18.68 8.11
N GLU A 71 -6.75 -18.06 7.27
CA GLU A 71 -6.39 -16.93 6.41
C GLU A 71 -6.17 -15.70 7.30
N ASN A 72 -5.16 -14.89 6.98
CA ASN A 72 -4.85 -13.65 7.69
C ASN A 72 -4.60 -12.54 6.67
N PHE A 73 -5.62 -11.68 6.44
CA PHE A 73 -5.48 -10.60 5.45
C PHE A 73 -4.58 -9.51 5.95
N TYR A 74 -3.53 -9.20 5.18
CA TYR A 74 -2.54 -8.19 5.55
C TYR A 74 -2.74 -6.86 4.83
N THR A 75 -3.43 -6.87 3.68
CA THR A 75 -3.53 -5.68 2.86
C THR A 75 -4.82 -5.61 2.01
N CYS A 76 -5.19 -4.39 1.61
CA CYS A 76 -6.28 -4.09 0.70
C CYS A 76 -5.89 -2.88 -0.13
N ALA A 77 -6.55 -2.72 -1.30
CA ALA A 77 -6.37 -1.65 -2.27
C ALA A 77 -7.62 -1.57 -3.09
N TRP A 78 -8.13 -0.35 -3.34
CA TRP A 78 -9.31 -0.10 -4.14
C TRP A 78 -8.98 0.15 -5.58
N THR A 79 -9.92 -0.18 -6.46
CA THR A 79 -9.86 0.16 -7.89
C THR A 79 -11.29 0.39 -8.32
N TYR A 80 -11.52 0.53 -9.61
CA TYR A 80 -12.85 0.71 -10.18
C TYR A 80 -12.90 -0.02 -11.52
N ASP A 81 -14.11 -0.35 -11.98
CA ASP A 81 -14.29 -0.98 -13.27
C ASP A 81 -14.19 0.16 -14.31
N SER A 82 -13.22 0.07 -15.24
CA SER A 82 -12.97 1.08 -16.28
C SER A 82 -14.16 1.33 -17.21
N ASN A 83 -15.11 0.38 -17.29
CA ASN A 83 -16.31 0.49 -18.13
C ASN A 83 -17.53 1.06 -17.38
N THR A 84 -17.76 0.57 -16.18
CA THR A 84 -18.94 1.00 -15.41
C THR A 84 -18.69 2.02 -14.31
N SER A 85 -17.42 2.29 -13.90
CA SER A 85 -16.99 3.16 -12.78
C SER A 85 -17.21 2.49 -11.39
N HIS A 86 -17.73 1.26 -11.37
CA HIS A 86 -18.05 0.61 -10.10
C HIS A 86 -16.80 0.21 -9.30
N PRO A 87 -16.71 0.61 -8.01
CA PRO A 87 -15.55 0.23 -7.18
C PRO A 87 -15.40 -1.27 -6.97
N LEU A 88 -14.16 -1.68 -6.77
CA LEU A 88 -13.74 -3.04 -6.49
C LEU A 88 -12.69 -2.94 -5.41
N LEU A 89 -12.57 -3.98 -4.59
CA LEU A 89 -11.62 -4.01 -3.50
C LEU A 89 -10.76 -5.27 -3.60
N ALA A 90 -9.42 -5.12 -3.67
CA ALA A 90 -8.48 -6.25 -3.75
C ALA A 90 -7.94 -6.50 -2.36
N VAL A 91 -7.88 -7.77 -1.95
CA VAL A 91 -7.43 -8.19 -0.62
C VAL A 91 -6.52 -9.41 -0.73
N ALA A 92 -5.52 -9.49 0.14
CA ALA A 92 -4.57 -10.60 0.16
C ALA A 92 -3.93 -10.66 1.53
N GLY A 93 -3.35 -11.81 1.84
CA GLY A 93 -2.66 -12.00 3.12
C GLY A 93 -1.79 -13.21 3.13
N SER A 94 -1.66 -13.82 4.32
CA SER A 94 -0.85 -15.01 4.63
C SER A 94 -1.00 -16.22 3.67
N ARG A 95 -2.17 -16.37 3.04
CA ARG A 95 -2.42 -17.49 2.15
C ARG A 95 -1.83 -17.31 0.75
N GLY A 96 -1.47 -16.09 0.44
CA GLY A 96 -0.90 -15.75 -0.87
C GLY A 96 -1.91 -15.78 -2.00
N ILE A 97 -3.22 -15.62 -1.66
CA ILE A 97 -4.34 -15.55 -2.61
C ILE A 97 -4.89 -14.12 -2.67
N ILE A 98 -4.89 -13.54 -3.87
CA ILE A 98 -5.51 -12.25 -4.12
C ILE A 98 -7.01 -12.50 -4.38
N ARG A 99 -7.90 -11.77 -3.67
CA ARG A 99 -9.33 -11.84 -3.87
C ARG A 99 -9.83 -10.48 -4.29
N ILE A 100 -10.57 -10.42 -5.40
CA ILE A 100 -11.18 -9.21 -5.93
C ILE A 100 -12.63 -9.26 -5.47
N ILE A 101 -13.01 -8.35 -4.59
CA ILE A 101 -14.33 -8.32 -3.97
C ILE A 101 -15.16 -7.16 -4.48
N ASN A 102 -16.47 -7.43 -4.72
CA ASN A 102 -17.43 -6.40 -5.09
C ASN A 102 -17.91 -5.80 -3.75
N PRO A 103 -17.65 -4.50 -3.45
CA PRO A 103 -18.08 -3.92 -2.17
C PRO A 103 -19.59 -3.84 -1.96
N ILE A 104 -20.39 -3.79 -3.05
CA ILE A 104 -21.86 -3.72 -2.96
C ILE A 104 -22.46 -4.99 -2.36
N THR A 105 -21.90 -6.14 -2.71
CA THR A 105 -22.44 -7.44 -2.28
C THR A 105 -21.50 -8.28 -1.38
N MET A 106 -20.19 -7.99 -1.37
CA MET A 106 -19.13 -8.75 -0.69
C MET A 106 -18.93 -10.11 -1.39
N GLN A 107 -19.28 -10.16 -2.69
CA GLN A 107 -19.07 -11.34 -3.53
C GLN A 107 -17.63 -11.29 -4.02
N CYS A 108 -16.93 -12.38 -3.82
CA CYS A 108 -15.59 -12.54 -4.35
C CYS A 108 -15.80 -12.87 -5.84
N ILE A 109 -15.57 -11.87 -6.71
CA ILE A 109 -15.78 -12.03 -8.15
C ILE A 109 -14.56 -12.65 -8.88
N LYS A 110 -13.33 -12.47 -8.35
CA LYS A 110 -12.10 -12.99 -8.96
C LYS A 110 -11.09 -13.40 -7.87
N HIS A 111 -10.31 -14.46 -8.12
CA HIS A 111 -9.24 -14.85 -7.18
C HIS A 111 -7.98 -15.28 -7.95
N TYR A 112 -6.78 -14.78 -7.51
CA TYR A 112 -5.49 -15.09 -8.13
C TYR A 112 -4.53 -15.79 -7.20
N VAL A 113 -3.78 -16.74 -7.75
CA VAL A 113 -2.72 -17.45 -7.04
C VAL A 113 -1.44 -17.27 -7.85
N GLY A 114 -0.43 -16.63 -7.24
CA GLY A 114 0.90 -16.40 -7.80
C GLY A 114 1.77 -17.57 -7.39
N HIS A 115 1.59 -17.95 -6.13
CA HIS A 115 2.16 -19.05 -5.37
C HIS A 115 1.25 -19.11 -4.12
N GLY A 116 1.55 -20.00 -3.19
CA GLY A 116 0.81 -20.09 -1.93
C GLY A 116 1.58 -19.40 -0.83
N ASN A 117 2.34 -18.33 -1.22
CA ASN A 117 3.24 -17.52 -0.40
C ASN A 117 2.65 -16.19 -0.03
N ALA A 118 2.63 -15.89 1.28
CA ALA A 118 2.07 -14.69 1.91
C ALA A 118 2.32 -13.38 1.13
N ILE A 119 1.25 -12.60 0.93
CA ILE A 119 1.28 -11.31 0.24
C ILE A 119 1.22 -10.21 1.28
N ASN A 120 2.24 -9.33 1.26
CA ASN A 120 2.42 -8.23 2.23
C ASN A 120 1.76 -6.94 1.82
N GLU A 121 1.72 -6.67 0.53
CA GLU A 121 1.12 -5.44 0.01
C GLU A 121 0.54 -5.58 -1.37
N LEU A 122 -0.51 -4.79 -1.64
CA LEU A 122 -1.22 -4.66 -2.91
C LEU A 122 -1.29 -3.21 -3.26
N LYS A 123 -0.99 -2.88 -4.54
CA LYS A 123 -1.08 -1.53 -5.06
C LYS A 123 -1.68 -1.58 -6.45
N PHE A 124 -2.54 -0.61 -6.76
CA PHE A 124 -3.10 -0.46 -8.11
C PHE A 124 -2.36 0.64 -8.84
N HIS A 125 -2.15 0.48 -10.14
CA HIS A 125 -1.47 1.43 -11.03
C HIS A 125 -2.21 2.75 -11.04
N PRO A 126 -1.52 3.93 -10.93
CA PRO A 126 -2.25 5.20 -10.89
C PRO A 126 -2.89 5.63 -12.21
N ARG A 127 -2.56 4.93 -13.33
CA ARG A 127 -3.14 5.31 -14.61
C ARG A 127 -4.01 4.21 -15.25
N ASP A 128 -3.74 2.93 -14.93
CA ASP A 128 -4.54 1.81 -15.43
C ASP A 128 -5.14 1.08 -14.23
N PRO A 129 -6.49 1.20 -14.03
CA PRO A 129 -7.14 0.56 -12.87
C PRO A 129 -7.09 -0.98 -12.83
N ASN A 130 -6.72 -1.62 -13.94
CA ASN A 130 -6.65 -3.08 -14.07
C ASN A 130 -5.34 -3.66 -13.62
N LEU A 131 -4.28 -2.83 -13.55
CA LEU A 131 -2.92 -3.27 -13.24
C LEU A 131 -2.64 -3.29 -11.74
N LEU A 132 -2.57 -4.50 -11.18
CA LEU A 132 -2.40 -4.74 -9.74
C LEU A 132 -1.03 -5.30 -9.44
N LEU A 133 -0.33 -4.66 -8.50
CA LEU A 133 0.99 -5.08 -8.04
C LEU A 133 0.88 -5.75 -6.68
N SER A 134 1.44 -6.92 -6.56
CA SER A 134 1.46 -7.64 -5.28
C SER A 134 2.91 -7.86 -4.85
N VAL A 135 3.20 -7.74 -3.54
CA VAL A 135 4.54 -8.00 -3.01
C VAL A 135 4.46 -9.18 -2.06
N SER A 136 5.38 -10.13 -2.22
CA SER A 136 5.30 -11.38 -1.48
C SER A 136 6.46 -11.72 -0.55
N LYS A 137 6.19 -12.67 0.34
CA LYS A 137 7.08 -13.35 1.27
C LYS A 137 8.14 -14.20 0.47
N ASP A 138 7.82 -14.60 -0.78
CA ASP A 138 8.74 -15.37 -1.64
C ASP A 138 9.81 -14.51 -2.35
N HIS A 139 10.03 -13.26 -1.87
CA HIS A 139 11.06 -12.30 -2.35
C HIS A 139 10.74 -11.63 -3.72
N ALA A 140 9.58 -11.96 -4.32
CA ALA A 140 9.21 -11.39 -5.63
C ALA A 140 8.05 -10.40 -5.58
N LEU A 141 7.91 -9.64 -6.68
CA LEU A 141 6.84 -8.72 -6.98
C LEU A 141 6.09 -9.29 -8.19
N ARG A 142 4.77 -9.11 -8.23
CA ARG A 142 3.98 -9.62 -9.35
C ARG A 142 3.04 -8.58 -9.87
N LEU A 143 3.04 -8.41 -11.18
CA LEU A 143 2.16 -7.47 -11.82
C LEU A 143 1.03 -8.25 -12.53
N TRP A 144 -0.23 -7.97 -12.14
CA TRP A 144 -1.43 -8.63 -12.66
C TRP A 144 -2.30 -7.71 -13.48
N ASN A 145 -2.97 -8.26 -14.48
CA ASN A 145 -3.98 -7.53 -15.25
C ASN A 145 -5.31 -8.23 -14.86
N ILE A 146 -6.13 -7.57 -14.06
CA ILE A 146 -7.36 -8.15 -13.51
C ILE A 146 -8.55 -8.09 -14.48
N GLN A 147 -8.36 -7.53 -15.69
CA GLN A 147 -9.44 -7.53 -16.67
C GLN A 147 -9.38 -8.85 -17.46
N THR A 148 -8.18 -9.38 -17.69
CA THR A 148 -8.00 -10.60 -18.44
C THR A 148 -7.43 -11.76 -17.59
N ASP A 149 -7.19 -11.53 -16.28
CA ASP A 149 -6.72 -12.54 -15.32
C ASP A 149 -5.34 -13.09 -15.67
N THR A 150 -4.43 -12.19 -16.00
CA THR A 150 -3.09 -12.58 -16.45
C THR A 150 -2.00 -12.03 -15.55
N LEU A 151 -0.94 -12.83 -15.40
CA LEU A 151 0.28 -12.48 -14.69
C LEU A 151 1.15 -11.86 -15.78
N VAL A 152 1.29 -10.55 -15.76
CA VAL A 152 2.02 -9.82 -16.79
C VAL A 152 3.51 -10.01 -16.58
N ALA A 153 3.97 -9.92 -15.32
CA ALA A 153 5.38 -9.97 -14.98
C ALA A 153 5.68 -10.39 -13.55
N ILE A 154 6.83 -11.07 -13.38
CA ILE A 154 7.38 -11.51 -12.10
C ILE A 154 8.72 -10.76 -11.96
N PHE A 155 8.90 -10.02 -10.86
CA PHE A 155 10.12 -9.23 -10.64
C PHE A 155 10.89 -9.89 -9.50
N GLY A 156 12.05 -10.46 -9.82
CA GLY A 156 12.90 -11.09 -8.82
C GLY A 156 13.82 -12.14 -9.38
N GLY A 157 14.69 -12.62 -8.52
CA GLY A 157 15.71 -13.62 -8.82
C GLY A 157 16.89 -13.40 -7.90
N VAL A 158 18.07 -13.89 -8.30
CA VAL A 158 19.35 -13.77 -7.58
C VAL A 158 19.64 -12.29 -7.32
N GLU A 159 19.33 -11.42 -8.30
CA GLU A 159 19.57 -9.99 -8.24
C GLU A 159 18.34 -9.16 -7.80
N GLY A 160 17.20 -9.81 -7.56
CA GLY A 160 16.03 -9.15 -7.00
C GLY A 160 16.17 -9.13 -5.49
N HIS A 161 15.04 -9.04 -4.74
CA HIS A 161 15.14 -9.03 -3.27
C HIS A 161 15.67 -10.39 -2.75
N ARG A 162 16.53 -10.37 -1.71
CA ARG A 162 17.12 -11.59 -1.12
C ARG A 162 16.33 -12.05 0.11
N ASP A 163 15.22 -11.37 0.41
CA ASP A 163 14.29 -11.67 1.49
C ASP A 163 12.89 -11.12 1.11
N GLU A 164 11.88 -11.34 2.02
CA GLU A 164 10.48 -10.91 1.88
C GLU A 164 10.37 -9.47 1.42
N VAL A 165 9.48 -9.19 0.45
CA VAL A 165 9.23 -7.83 -0.01
C VAL A 165 8.07 -7.35 0.89
N LEU A 166 8.29 -6.29 1.68
CA LEU A 166 7.31 -5.77 2.63
C LEU A 166 6.40 -4.67 2.08
N SER A 167 6.88 -3.92 1.06
CA SER A 167 6.17 -2.80 0.48
C SER A 167 6.67 -2.47 -0.91
N ALA A 168 5.84 -1.72 -1.66
CA ALA A 168 6.14 -1.22 -3.00
C ALA A 168 5.20 -0.07 -3.35
N ASP A 169 5.65 0.80 -4.24
CA ASP A 169 4.88 1.94 -4.74
C ASP A 169 5.20 2.23 -6.21
N TYR A 170 4.20 2.77 -6.91
CA TYR A 170 4.34 3.21 -8.30
C TYR A 170 4.62 4.67 -8.24
N ASP A 171 5.35 5.19 -9.24
CA ASP A 171 5.56 6.63 -9.31
C ASP A 171 4.29 7.28 -9.85
N LEU A 172 4.32 8.61 -10.02
CA LEU A 172 3.17 9.44 -10.37
C LEU A 172 2.39 8.92 -11.57
N LEU A 173 3.11 8.58 -12.66
CA LEU A 173 2.54 8.10 -13.92
C LEU A 173 2.48 6.59 -14.07
N GLY A 174 3.08 5.86 -13.11
CA GLY A 174 3.12 4.40 -13.14
C GLY A 174 4.10 3.88 -14.17
N GLU A 175 5.24 4.59 -14.32
CA GLU A 175 6.36 4.28 -15.21
C GLU A 175 7.39 3.42 -14.48
N LYS A 176 7.35 3.42 -13.15
CA LYS A 176 8.32 2.65 -12.38
C LYS A 176 7.83 2.33 -11.01
N ILE A 177 8.42 1.27 -10.42
CA ILE A 177 8.12 0.83 -9.10
C ILE A 177 9.37 0.92 -8.19
N MET A 178 9.15 1.22 -6.90
CA MET A 178 10.18 1.13 -5.88
C MET A 178 9.65 0.11 -4.87
N SER A 179 10.38 -0.98 -4.70
CA SER A 179 10.02 -2.02 -3.74
C SER A 179 11.02 -2.00 -2.60
N CYS A 180 10.67 -2.59 -1.43
CA CYS A 180 11.56 -2.67 -0.28
C CYS A 180 11.22 -3.87 0.58
N GLY A 181 12.18 -4.34 1.38
CA GLY A 181 11.92 -5.47 2.25
C GLY A 181 12.87 -5.71 3.40
N MET A 182 12.81 -6.91 3.94
CA MET A 182 13.58 -7.42 5.07
C MET A 182 15.06 -7.52 4.80
N ASP A 183 15.47 -7.45 3.51
CA ASP A 183 16.87 -7.53 3.12
C ASP A 183 17.59 -6.17 3.30
N HIS A 184 16.85 -5.14 3.86
CA HIS A 184 17.24 -3.75 4.14
C HIS A 184 17.33 -2.89 2.87
N SER A 185 16.92 -3.45 1.72
CA SER A 185 17.15 -2.77 0.46
C SER A 185 15.90 -2.23 -0.21
N LEU A 186 16.11 -1.20 -1.03
CA LEU A 186 15.08 -0.55 -1.85
C LEU A 186 15.52 -0.71 -3.30
N LYS A 187 14.65 -1.30 -4.15
CA LYS A 187 14.99 -1.54 -5.57
C LYS A 187 14.00 -0.92 -6.54
N LEU A 188 14.53 -0.37 -7.63
CA LEU A 188 13.77 0.27 -8.71
C LEU A 188 13.55 -0.75 -9.84
N TRP A 189 12.33 -0.78 -10.38
CA TRP A 189 11.95 -1.67 -11.48
C TRP A 189 11.15 -0.79 -12.44
N ARG A 190 11.74 -0.51 -13.60
CA ARG A 190 11.13 0.31 -14.64
C ARG A 190 10.10 -0.47 -15.39
N ILE A 191 8.90 0.10 -15.58
CA ILE A 191 7.85 -0.63 -16.30
C ILE A 191 7.34 0.13 -17.56
N ASN A 192 8.13 1.13 -18.04
CA ASN A 192 7.83 1.94 -19.24
C ASN A 192 8.76 1.59 -20.44
N SER A 193 9.52 0.49 -20.32
CA SER A 193 10.39 -0.02 -21.40
C SER A 193 9.53 -0.49 -22.56
N LYS A 194 10.08 -0.52 -23.79
CA LYS A 194 9.36 -1.00 -25.00
C LYS A 194 8.74 -2.41 -24.79
N ARG A 195 9.45 -3.28 -24.01
CA ARG A 195 9.18 -4.66 -23.57
C ARG A 195 7.94 -4.74 -22.64
N MET A 196 7.99 -4.05 -21.47
CA MET A 196 6.89 -4.01 -20.50
C MET A 196 5.65 -3.39 -21.12
N MET A 197 5.81 -2.33 -21.94
CA MET A 197 4.70 -1.68 -22.64
C MET A 197 3.98 -2.64 -23.58
N ASN A 198 4.74 -3.44 -24.34
CA ASN A 198 4.21 -4.45 -25.25
C ASN A 198 3.60 -5.62 -24.47
N ALA A 199 4.21 -6.03 -23.34
CA ALA A 199 3.70 -7.08 -22.47
C ALA A 199 2.30 -6.71 -21.93
N ILE A 200 2.10 -5.41 -21.57
CA ILE A 200 0.82 -4.87 -21.12
C ILE A 200 -0.19 -4.88 -22.27
N LYS A 201 0.21 -4.47 -23.49
CA LYS A 201 -0.67 -4.51 -24.66
C LYS A 201 -1.15 -5.94 -24.93
N GLU A 202 -0.22 -6.90 -24.85
CA GLU A 202 -0.50 -8.34 -25.05
C GLU A 202 -1.42 -8.90 -23.98
N SER A 203 -1.21 -8.51 -22.68
CA SER A 203 -2.04 -8.95 -21.55
C SER A 203 -3.51 -8.67 -21.82
N TYR A 204 -3.79 -7.56 -22.53
CA TYR A 204 -5.11 -7.14 -22.97
C TYR A 204 -5.66 -7.92 -24.15
N ASP A 205 -4.79 -8.46 -25.03
CA ASP A 205 -5.17 -9.22 -26.23
C ASP A 205 -5.34 -10.72 -25.93
N TYR A 206 -5.21 -11.13 -24.66
CA TYR A 206 -5.34 -12.53 -24.23
C TYR A 206 -6.74 -12.93 -23.80
N ASN A 207 -7.21 -14.07 -24.29
CA ASN A 207 -8.51 -14.68 -23.98
C ASN A 207 -8.33 -16.21 -24.01
N PRO A 208 -8.33 -16.90 -22.84
CA PRO A 208 -8.08 -18.36 -22.84
C PRO A 208 -9.19 -19.23 -23.43
N ASN A 209 -10.41 -18.68 -23.54
CA ASN A 209 -11.59 -19.36 -24.08
C ASN A 209 -11.52 -19.38 -25.61
N LYS A 210 -10.76 -18.45 -26.20
CA LYS A 210 -10.59 -18.34 -27.65
C LYS A 210 -9.17 -18.76 -28.16
N THR A 211 -8.29 -19.31 -27.26
CA THR A 211 -6.95 -19.78 -27.64
C THR A 211 -6.41 -20.98 -26.81
N ASN A 212 -5.42 -21.72 -27.38
CA ASN A 212 -4.75 -22.85 -26.73
C ASN A 212 -3.40 -22.45 -26.09
N ARG A 213 -2.87 -21.26 -26.45
CA ARG A 213 -1.60 -20.78 -25.90
C ARG A 213 -1.73 -20.30 -24.45
N PRO A 214 -0.70 -20.56 -23.61
CA PRO A 214 -0.74 -19.96 -22.25
C PRO A 214 -0.33 -18.49 -22.33
N PHE A 215 -0.64 -17.68 -21.26
CA PHE A 215 -0.14 -16.32 -21.24
C PHE A 215 1.30 -16.35 -20.72
N ILE A 216 2.23 -15.78 -21.50
CA ILE A 216 3.65 -15.80 -21.18
C ILE A 216 3.98 -14.57 -20.43
N SER A 217 4.44 -14.73 -19.20
CA SER A 217 4.76 -13.57 -18.40
C SER A 217 6.22 -13.12 -18.56
N GLN A 218 6.49 -11.85 -18.27
CA GLN A 218 7.84 -11.32 -18.32
C GLN A 218 8.54 -11.72 -17.03
N LYS A 219 9.78 -12.17 -17.17
CA LYS A 219 10.59 -12.59 -16.03
C LYS A 219 11.68 -11.54 -15.95
N ILE A 220 11.51 -10.60 -15.02
CA ILE A 220 12.45 -9.50 -14.81
C ILE A 220 13.33 -9.83 -13.62
N HIS A 221 14.59 -10.17 -13.88
CA HIS A 221 15.54 -10.59 -12.84
C HIS A 221 16.45 -9.51 -12.29
N PHE A 222 16.58 -8.40 -13.02
CA PHE A 222 17.50 -7.36 -12.63
C PHE A 222 16.81 -6.03 -12.37
N PRO A 223 16.94 -5.45 -11.16
CA PRO A 223 16.35 -4.11 -10.92
C PRO A 223 17.14 -3.05 -11.72
N ASP A 224 16.58 -1.84 -11.85
CA ASP A 224 17.16 -0.69 -12.58
C ASP A 224 18.02 0.19 -11.72
N PHE A 225 18.01 -0.08 -10.42
CA PHE A 225 18.73 0.58 -9.33
C PHE A 225 18.50 -0.21 -8.02
N SER A 226 19.49 -0.20 -7.12
CA SER A 226 19.35 -0.85 -5.82
C SER A 226 20.19 -0.12 -4.77
N THR A 227 19.69 -0.06 -3.52
CA THR A 227 20.39 0.55 -2.39
C THR A 227 20.13 -0.21 -1.07
N ARG A 228 21.20 -0.34 -0.27
CA ARG A 228 21.23 -0.94 1.07
C ARG A 228 21.76 0.14 2.02
N ASP A 229 21.80 1.41 1.55
CA ASP A 229 22.44 2.55 2.22
C ASP A 229 21.55 3.55 2.93
N ILE A 230 20.23 3.29 2.99
CA ILE A 230 19.28 4.20 3.62
C ILE A 230 18.92 3.73 5.04
N HIS A 231 18.59 2.45 5.20
CA HIS A 231 18.23 1.93 6.51
C HIS A 231 19.18 0.81 6.91
N ARG A 232 19.25 0.47 8.20
CA ARG A 232 20.13 -0.62 8.67
C ARG A 232 19.26 -1.73 9.30
N ASN A 233 18.02 -1.90 8.77
CA ASN A 233 17.02 -2.89 9.19
C ASN A 233 15.93 -3.06 8.13
N TYR A 234 14.88 -3.87 8.44
CA TYR A 234 13.73 -4.15 7.57
C TYR A 234 13.03 -2.86 7.15
N VAL A 235 12.94 -2.61 5.85
CA VAL A 235 12.25 -1.44 5.28
C VAL A 235 10.78 -1.94 5.05
N ASP A 236 9.82 -1.41 5.86
CA ASP A 236 8.41 -1.85 5.88
C ASP A 236 7.41 -0.90 5.24
N CYS A 237 7.89 0.22 4.67
CA CYS A 237 7.04 1.15 3.97
C CYS A 237 7.82 1.98 2.97
N VAL A 238 7.28 2.17 1.76
CA VAL A 238 7.90 3.04 0.75
C VAL A 238 6.80 3.76 0.03
N ARG A 239 7.06 5.03 -0.32
CA ARG A 239 6.15 5.85 -1.11
C ARG A 239 6.94 6.88 -1.92
N TRP A 240 6.57 7.07 -3.18
CA TRP A 240 7.17 8.09 -4.03
C TRP A 240 6.59 9.45 -3.64
N LEU A 241 7.45 10.50 -3.69
CA LEU A 241 7.10 11.91 -3.53
C LEU A 241 7.72 12.59 -4.76
N GLY A 242 6.97 12.56 -5.86
CA GLY A 242 7.48 13.03 -7.16
C GLY A 242 8.58 12.09 -7.63
N ASP A 243 9.79 12.64 -7.81
CA ASP A 243 11.01 11.94 -8.22
C ASP A 243 11.83 11.44 -6.99
N LEU A 244 11.34 11.78 -5.77
CA LEU A 244 11.94 11.40 -4.49
C LEU A 244 11.23 10.22 -3.86
N ILE A 245 11.88 9.63 -2.85
CA ILE A 245 11.35 8.49 -2.12
C ILE A 245 11.22 8.80 -0.63
N LEU A 246 10.12 8.32 -0.01
CA LEU A 246 9.94 8.34 1.43
C LEU A 246 9.94 6.90 1.84
N SER A 247 10.81 6.54 2.78
CA SER A 247 10.85 5.15 3.24
C SER A 247 11.16 5.08 4.73
N LYS A 248 10.78 4.00 5.36
CA LYS A 248 11.06 3.82 6.77
C LYS A 248 11.41 2.38 7.06
N SER A 249 12.21 2.20 8.10
CA SER A 249 12.54 0.95 8.71
C SER A 249 11.96 1.16 10.15
N CYS A 250 12.44 0.38 11.14
CA CYS A 250 11.98 0.45 12.52
C CYS A 250 12.90 1.35 13.37
N GLU A 251 13.66 2.25 12.72
CA GLU A 251 14.70 3.04 13.39
C GLU A 251 14.28 4.45 13.82
N ASN A 252 12.96 4.69 13.97
CA ASN A 252 12.32 5.95 14.44
C ASN A 252 12.58 7.19 13.52
N ALA A 253 12.70 6.93 12.22
CA ALA A 253 12.87 7.95 11.20
C ALA A 253 12.21 7.54 9.89
N ILE A 254 11.55 8.49 9.22
CA ILE A 254 11.05 8.31 7.85
C ILE A 254 12.12 9.09 7.09
N VAL A 255 12.78 8.43 6.10
CA VAL A 255 13.87 9.06 5.35
C VAL A 255 13.44 9.47 3.93
N CYS A 256 13.72 10.74 3.54
CA CYS A 256 13.45 11.29 2.19
C CYS A 256 14.80 11.26 1.50
N TRP A 257 14.87 10.53 0.42
CA TRP A 257 16.12 10.34 -0.32
C TRP A 257 15.85 10.21 -1.84
N LYS A 258 16.91 10.13 -2.61
CA LYS A 258 16.83 9.95 -4.06
C LYS A 258 18.03 9.12 -4.56
N PRO A 259 17.83 8.31 -5.63
CA PRO A 259 18.97 7.60 -6.22
C PRO A 259 19.97 8.58 -6.80
N GLY A 260 21.25 8.18 -6.82
CA GLY A 260 22.36 8.93 -7.37
C GLY A 260 22.80 10.12 -6.53
N LYS A 261 23.70 10.93 -7.08
CA LYS A 261 24.11 12.13 -6.37
C LYS A 261 23.07 13.22 -6.58
N MET A 262 23.11 14.24 -5.71
CA MET A 262 22.21 15.38 -5.58
C MET A 262 21.54 15.86 -6.89
N GLU A 263 22.33 16.11 -7.95
CA GLU A 263 21.84 16.64 -9.23
C GLU A 263 21.43 15.59 -10.28
N ASP A 264 21.61 14.28 -10.01
CA ASP A 264 21.24 13.22 -10.95
C ASP A 264 19.73 13.07 -11.22
N ASP A 265 19.36 12.90 -12.50
CA ASP A 265 17.96 12.68 -12.91
C ASP A 265 17.65 11.20 -12.77
N ILE A 266 16.51 10.87 -12.16
CA ILE A 266 16.05 9.49 -11.93
C ILE A 266 15.93 8.68 -13.25
N ASP A 267 15.63 9.35 -14.36
CA ASP A 267 15.54 8.69 -15.66
C ASP A 267 16.93 8.47 -16.29
N LYS A 268 17.97 9.11 -15.74
CA LYS A 268 19.37 9.02 -16.21
C LYS A 268 20.19 8.01 -15.38
N ILE A 269 19.61 7.51 -14.27
CA ILE A 269 20.23 6.52 -13.37
C ILE A 269 20.39 5.17 -14.08
N LYS A 270 21.64 4.66 -14.11
CA LYS A 270 22.01 3.37 -14.70
C LYS A 270 21.92 2.29 -13.58
N PRO A 271 21.65 1.00 -13.87
CA PRO A 271 21.56 -0.01 -12.80
C PRO A 271 22.80 -0.12 -11.87
N SER A 272 23.98 0.21 -12.37
CA SER A 272 25.26 0.17 -11.63
C SER A 272 25.44 1.32 -10.60
N GLU A 273 24.54 2.33 -10.60
CA GLU A 273 24.55 3.50 -9.70
C GLU A 273 24.79 3.12 -8.22
N SER A 274 25.93 3.59 -7.68
CA SER A 274 26.40 3.33 -6.32
C SER A 274 26.03 4.41 -5.27
N ASN A 275 25.52 5.57 -5.71
CA ASN A 275 25.20 6.66 -4.76
C ASN A 275 23.75 6.86 -4.48
N VAL A 276 23.48 7.46 -3.31
CA VAL A 276 22.17 7.87 -2.82
C VAL A 276 22.35 9.19 -2.13
N THR A 277 21.36 10.09 -2.26
CA THR A 277 21.38 11.39 -1.62
C THR A 277 20.20 11.44 -0.67
N ILE A 278 20.46 11.69 0.60
CA ILE A 278 19.41 11.85 1.59
C ILE A 278 19.09 13.35 1.58
N LEU A 279 17.79 13.67 1.54
CA LEU A 279 17.29 15.05 1.48
C LEU A 279 16.72 15.54 2.80
N GLY A 280 16.30 14.62 3.65
CA GLY A 280 15.74 14.90 4.98
C GLY A 280 15.26 13.66 5.70
N ARG A 281 14.92 13.81 6.98
CA ARG A 281 14.43 12.78 7.90
C ARG A 281 13.30 13.35 8.77
N PHE A 282 12.24 12.56 8.98
CA PHE A 282 11.14 12.90 9.86
C PHE A 282 11.34 12.04 11.13
N ASP A 283 11.84 12.67 12.21
CA ASP A 283 12.15 12.01 13.48
C ASP A 283 10.94 11.89 14.38
N TYR A 284 10.86 10.77 15.11
CA TYR A 284 9.77 10.43 16.02
C TYR A 284 10.22 9.39 17.07
N SER A 285 9.27 8.83 17.82
CA SER A 285 9.58 7.86 18.86
C SER A 285 8.54 6.74 18.99
N GLN A 286 8.95 5.68 19.68
CA GLN A 286 8.16 4.49 20.01
C GLN A 286 7.49 3.88 18.78
N CYS A 287 8.29 3.69 17.75
CA CYS A 287 7.92 3.03 16.51
C CYS A 287 9.14 2.18 16.06
N ASP A 288 9.72 1.46 17.05
CA ASP A 288 10.87 0.55 16.91
C ASP A 288 10.41 -0.86 16.53
N ILE A 289 9.08 -1.12 16.59
CA ILE A 289 8.55 -2.42 16.26
C ILE A 289 8.41 -2.55 14.75
N TRP A 290 8.55 -3.76 14.22
CA TRP A 290 8.41 -3.99 12.78
C TRP A 290 6.94 -3.91 12.37
N TYR A 291 6.71 -3.64 11.08
CA TYR A 291 5.43 -3.65 10.37
C TYR A 291 4.48 -2.50 10.79
N MET A 292 4.93 -1.27 10.53
CA MET A 292 4.20 -0.04 10.83
C MET A 292 4.28 0.82 9.57
N ARG A 293 3.13 1.09 8.96
CA ARG A 293 3.05 1.87 7.74
C ARG A 293 2.85 3.34 7.99
N PHE A 294 3.28 4.16 7.03
CA PHE A 294 2.94 5.57 7.05
C PHE A 294 1.95 5.78 5.91
N SER A 295 1.19 6.86 5.95
CA SER A 295 0.24 7.11 4.89
C SER A 295 0.26 8.55 4.48
N MET A 296 -0.19 8.84 3.26
CA MET A 296 -0.25 10.23 2.79
C MET A 296 -1.65 10.57 2.34
N ASP A 297 -2.08 11.85 2.49
CA ASP A 297 -3.37 12.29 1.93
C ASP A 297 -3.27 12.24 0.37
N PHE A 298 -4.38 12.52 -0.34
CA PHE A 298 -4.44 12.52 -1.82
C PHE A 298 -3.44 13.51 -2.45
N TRP A 299 -3.26 14.68 -1.82
CA TRP A 299 -2.43 15.73 -2.35
C TRP A 299 -0.95 15.59 -2.03
N GLN A 300 -0.60 14.68 -1.10
CA GLN A 300 0.76 14.43 -0.60
C GLN A 300 1.29 15.67 0.14
N LYS A 301 0.36 16.43 0.76
CA LYS A 301 0.59 17.61 1.59
C LYS A 301 0.81 17.15 3.04
N MET A 302 0.33 15.95 3.37
CA MET A 302 0.35 15.40 4.73
C MET A 302 0.89 13.99 4.81
N LEU A 303 1.60 13.70 5.91
CA LEU A 303 2.20 12.40 6.18
C LEU A 303 1.75 11.96 7.58
N ALA A 304 1.13 10.78 7.66
CA ALA A 304 0.69 10.30 8.96
C ALA A 304 1.33 8.97 9.29
N LEU A 305 1.70 8.80 10.56
CA LEU A 305 2.27 7.55 11.03
C LEU A 305 1.87 7.31 12.48
N GLY A 306 1.31 6.14 12.74
CA GLY A 306 0.98 5.71 14.09
C GLY A 306 2.15 4.98 14.74
N ASN A 307 2.28 5.11 16.07
CA ASN A 307 3.34 4.44 16.82
C ASN A 307 2.82 3.21 17.58
N GLN A 308 3.71 2.54 18.37
CA GLN A 308 3.39 1.33 19.12
C GLN A 308 2.67 1.57 20.48
N VAL A 309 2.48 2.83 20.93
CA VAL A 309 1.74 3.13 22.17
C VAL A 309 0.40 3.88 21.91
N GLY A 310 -0.05 3.90 20.66
CA GLY A 310 -1.31 4.53 20.28
C GLY A 310 -1.26 6.01 19.95
N LYS A 311 -0.04 6.57 19.84
CA LYS A 311 0.16 7.96 19.46
C LYS A 311 0.21 8.04 17.93
N LEU A 312 -0.41 9.08 17.35
CA LEU A 312 -0.49 9.28 15.91
C LEU A 312 0.18 10.58 15.51
N TYR A 313 1.27 10.47 14.73
CA TYR A 313 2.06 11.61 14.25
C TYR A 313 1.56 12.06 12.91
N VAL A 314 1.52 13.38 12.71
CA VAL A 314 1.09 13.98 11.46
C VAL A 314 2.09 15.12 11.11
N TRP A 315 2.57 15.16 9.86
CA TRP A 315 3.49 16.20 9.42
C TRP A 315 2.89 16.97 8.26
N ASP A 316 3.22 18.27 8.18
CA ASP A 316 2.87 19.18 7.11
C ASP A 316 4.08 19.18 6.19
N LEU A 317 3.91 18.71 4.96
CA LEU A 317 5.02 18.69 4.01
C LEU A 317 5.22 20.05 3.32
N GLU A 318 4.24 20.97 3.45
CA GLU A 318 4.29 22.31 2.85
C GLU A 318 5.12 23.31 3.66
N VAL A 319 5.78 22.86 4.74
CA VAL A 319 6.60 23.72 5.61
C VAL A 319 7.97 23.98 5.00
N GLU A 320 8.56 25.14 5.37
CA GLU A 320 9.89 25.61 4.98
C GLU A 320 10.99 24.53 5.25
N ASP A 321 11.36 24.31 6.54
CA ASP A 321 12.38 23.32 6.93
C ASP A 321 11.86 22.33 7.97
N LYS A 326 6.95 20.58 9.84
CA LYS A 326 6.52 20.67 11.23
C LYS A 326 5.64 19.47 11.55
N CYS A 327 5.69 19.04 12.82
CA CYS A 327 4.97 17.89 13.36
C CYS A 327 3.73 18.33 14.18
N THR A 328 2.88 17.35 14.57
CA THR A 328 1.70 17.45 15.43
C THR A 328 1.43 16.02 15.96
N THR A 329 0.95 15.87 17.21
CA THR A 329 0.76 14.50 17.74
C THR A 329 -0.66 14.31 18.33
N LEU A 330 -1.38 13.30 17.79
CA LEU A 330 -2.76 12.93 18.14
C LEU A 330 -2.86 11.76 19.15
N THR A 331 -3.28 12.08 20.38
CA THR A 331 -3.48 11.11 21.46
C THR A 331 -4.90 11.18 22.04
N HIS A 332 -5.35 10.04 22.58
CA HIS A 332 -6.58 9.82 23.33
C HIS A 332 -6.15 8.94 24.53
N HIS A 333 -6.78 9.10 25.71
CA HIS A 333 -6.40 8.33 26.91
C HIS A 333 -6.66 6.82 26.76
N LYS A 334 -7.66 6.42 25.94
CA LYS A 334 -8.02 5.00 25.76
C LYS A 334 -7.39 4.35 24.52
N CYS A 335 -6.34 4.99 23.96
CA CYS A 335 -5.65 4.50 22.77
C CYS A 335 -4.17 4.13 23.05
N GLY A 336 -3.97 2.90 23.51
CA GLY A 336 -2.66 2.36 23.89
C GLY A 336 -2.03 1.33 22.97
N ALA A 337 -2.85 0.68 22.11
CA ALA A 337 -2.38 -0.34 21.16
C ALA A 337 -1.67 0.27 19.97
N ALA A 338 -0.79 -0.53 19.34
CA ALA A 338 0.00 -0.13 18.17
C ALA A 338 -0.89 0.13 16.95
N ILE A 339 -0.70 1.31 16.32
CA ILE A 339 -1.44 1.73 15.14
C ILE A 339 -0.68 1.20 13.91
N ARG A 340 -1.24 0.15 13.27
CA ARG A 340 -0.60 -0.54 12.14
C ARG A 340 -0.63 0.26 10.87
N GLN A 341 -1.78 0.92 10.55
CA GLN A 341 -2.00 1.72 9.34
C GLN A 341 -3.02 2.82 9.58
N THR A 342 -2.90 3.91 8.82
CA THR A 342 -3.78 5.06 8.84
C THR A 342 -4.23 5.31 7.38
N SER A 343 -5.38 5.96 7.21
CA SER A 343 -5.88 6.29 5.89
C SER A 343 -6.63 7.60 5.98
N PHE A 344 -6.33 8.50 5.06
CA PHE A 344 -7.00 9.79 4.93
C PHE A 344 -8.12 9.56 3.93
N SER A 345 -9.26 10.23 4.14
CA SER A 345 -10.36 10.22 3.18
C SER A 345 -9.88 11.07 2.00
N ARG A 346 -10.48 10.89 0.82
CA ARG A 346 -10.14 11.63 -0.40
C ARG A 346 -10.10 13.16 -0.18
N ASP A 347 -11.07 13.73 0.57
CA ASP A 347 -11.15 15.18 0.87
C ASP A 347 -10.28 15.64 2.07
N SER A 348 -9.45 14.73 2.63
CA SER A 348 -8.53 14.94 3.77
C SER A 348 -9.22 15.39 5.08
N SER A 349 -10.56 15.25 5.17
CA SER A 349 -11.35 15.64 6.35
C SER A 349 -11.39 14.58 7.45
N ILE A 350 -11.18 13.31 7.10
CA ILE A 350 -11.18 12.24 8.09
C ILE A 350 -9.87 11.51 7.98
N LEU A 351 -9.34 11.09 9.14
CA LEU A 351 -8.14 10.26 9.25
C LEU A 351 -8.52 9.06 10.11
N ILE A 352 -8.42 7.84 9.53
CA ILE A 352 -8.69 6.59 10.26
C ILE A 352 -7.40 5.86 10.61
N ALA A 353 -7.26 5.49 11.89
CA ALA A 353 -6.18 4.69 12.47
C ALA A 353 -6.79 3.35 12.92
N VAL A 354 -6.12 2.23 12.59
CA VAL A 354 -6.53 0.87 12.99
C VAL A 354 -5.43 0.26 13.89
N CYS A 355 -5.82 -0.50 14.91
CA CYS A 355 -4.85 -1.01 15.89
C CYS A 355 -4.75 -2.52 16.02
N ASP A 356 -3.74 -2.94 16.81
CA ASP A 356 -3.41 -4.32 17.16
C ASP A 356 -4.52 -5.02 17.99
N ASP A 357 -5.34 -4.25 18.73
CA ASP A 357 -6.43 -4.74 19.58
C ASP A 357 -7.78 -4.77 18.83
N ALA A 358 -7.73 -4.63 17.49
CA ALA A 358 -8.86 -4.59 16.55
C ALA A 358 -9.73 -3.32 16.71
N SER A 359 -9.14 -2.24 17.25
CA SER A 359 -9.85 -0.98 17.42
C SER A 359 -9.62 -0.02 16.23
N ILE A 360 -10.65 0.80 15.93
CA ILE A 360 -10.67 1.79 14.85
C ILE A 360 -10.85 3.17 15.48
N TRP A 361 -9.98 4.12 15.13
CA TRP A 361 -10.02 5.47 15.70
C TRP A 361 -10.30 6.52 14.62
N ARG A 362 -11.31 7.38 14.85
CA ARG A 362 -11.69 8.42 13.89
C ARG A 362 -11.30 9.81 14.34
N TRP A 363 -10.40 10.42 13.56
CA TRP A 363 -9.89 11.78 13.74
C TRP A 363 -10.41 12.68 12.64
N ASP A 364 -11.17 13.74 13.02
CA ASP A 364 -11.76 14.70 12.06
C ASP A 364 -10.99 16.03 12.02
N ARG A 365 -10.64 16.50 10.82
CA ARG A 365 -9.88 17.74 10.60
C ARG A 365 -10.69 19.01 10.90
N LEU A 366 -10.18 19.82 11.86
CA LEU A 366 -10.82 21.07 12.27
C LEU A 366 -9.85 22.25 12.12
C FMT B . -13.87 8.80 20.95
O1 FMT B . -13.57 8.13 21.92
O2 FMT B . -15.06 9.44 21.06
C1 7VY C . 4.19 -3.61 7.11
C2 7VY C . 4.79 -4.58 6.31
C3 7VY C . 4.12 -5.80 6.09
C11 7VY C . 3.97 -10.34 9.51
C13 7VY C . 3.83 -9.40 7.17
C15 7VY C . 0.96 -2.95 9.05
C4 7VY C . 2.86 -6.05 6.67
C5 7VY C . 2.29 -5.07 7.50
C6 7VY C . 2.93 -3.84 7.72
C7 7VY C . 2.19 -7.42 6.57
C8 7VY C . 2.90 -8.26 7.68
C9 7VY C . 1.99 -8.84 8.81
C10 7VY C . 2.86 -9.35 9.99
N12 7VY C . 4.69 -9.89 8.27
O14 7VY C . 2.32 -2.87 8.57
#